data_5EL0
#
_entry.id   5EL0
#
_cell.length_a   53.350
_cell.length_b   99.930
_cell.length_c   100.480
_cell.angle_alpha   90.000
_cell.angle_beta   90.000
_cell.angle_gamma   90.000
#
_symmetry.space_group_name_H-M   'I 2 2 2'
#
loop_
_entity.id
_entity.type
_entity.pdbx_description
1 polymer 'Oxidoreductase, short chain dehydrogenase/reductase family'
2 non-polymer 'NADP NICOTINAMIDE-ADENINE-DINUCLEOTIDE PHOSPHATE'
3 non-polymer 'CALCIUM ION'
4 water water
#
_entity_poly.entity_id   1
_entity_poly.type   'polypeptide(L)'
_entity_poly.pdbx_seq_one_letter_code
;MAHHHHHHMSPDSNTDNSRPGVSSSEIPRTDTERKTLVLTGASRGIGHATVKRFSLAGWRVITCSRQDFSENCPWPAGPE
DHIKVDLSDPEDIGKAIAEIRRRLEANGSKLHALVNNAGISPKAEGGRRMNSIETPMAVWRDVFQVNFMAPIMLARGLFK
ELEAAQGSVVNVTSIAGSRVHPFAGTAYATSKAALAALTREMASDFGPYGIRVNAIAPGEIDTAILSPGTDKLVEQLPMR
RLGKTSEVAETIYFLCTETSSYVTGSEIHINGGQHV
;
_entity_poly.pdbx_strand_id   A
#
loop_
_chem_comp.id
_chem_comp.type
_chem_comp.name
_chem_comp.formula
CA non-polymer 'CALCIUM ION' 'Ca 2'
NAP non-polymer 'NADP NICOTINAMIDE-ADENINE-DINUCLEOTIDE PHOSPHATE' 'C21 H28 N7 O17 P3'
#
# COMPACT_ATOMS: atom_id res chain seq x y z
N GLU A 33 9.05 -19.73 -8.65
CA GLU A 33 10.10 -18.94 -9.26
C GLU A 33 9.70 -17.46 -9.35
N ARG A 34 8.62 -17.22 -10.09
CA ARG A 34 8.00 -15.91 -10.30
C ARG A 34 7.97 -15.06 -9.03
N LYS A 35 8.42 -13.82 -9.14
CA LYS A 35 8.33 -12.89 -8.01
C LYS A 35 6.89 -12.44 -7.82
N THR A 36 6.52 -12.22 -6.56
CA THR A 36 5.13 -11.95 -6.21
CA THR A 36 5.13 -11.96 -6.18
C THR A 36 5.00 -10.61 -5.49
N LEU A 37 3.96 -9.87 -5.87
CA LEU A 37 3.60 -8.59 -5.27
C LEU A 37 2.21 -8.73 -4.68
N VAL A 38 2.04 -8.27 -3.44
CA VAL A 38 0.72 -8.05 -2.85
C VAL A 38 0.51 -6.55 -2.79
N LEU A 39 -0.56 -6.08 -3.42
CA LEU A 39 -0.83 -4.66 -3.55
C LEU A 39 -2.22 -4.32 -3.01
N THR A 40 -2.28 -3.33 -2.13
CA THR A 40 -3.55 -2.73 -1.73
C THR A 40 -3.75 -1.43 -2.48
N GLY A 41 -5.00 -1.02 -2.62
CA GLY A 41 -5.25 0.25 -3.28
C GLY A 41 -4.93 0.22 -4.76
N ALA A 42 -5.42 -0.81 -5.44
CA ALA A 42 -5.23 -0.94 -6.89
C ALA A 42 -6.31 -0.15 -7.64
N SER A 43 -6.35 1.16 -7.36
CA SER A 43 -7.33 2.08 -7.91
C SER A 43 -6.77 2.79 -9.15
N ARG A 44 -7.67 3.46 -9.88
CA ARG A 44 -7.24 4.17 -11.09
C ARG A 44 -6.14 5.16 -10.73
N GLY A 45 -5.21 5.34 -11.65
CA GLY A 45 -4.10 6.23 -11.40
C GLY A 45 -2.91 5.46 -10.87
N ILE A 46 -2.47 5.78 -9.65
CA ILE A 46 -1.26 5.15 -9.11
C ILE A 46 -1.42 3.63 -9.05
N GLY A 47 -2.56 3.16 -8.54
CA GLY A 47 -2.73 1.72 -8.36
C GLY A 47 -2.67 0.95 -9.66
N HIS A 48 -3.46 1.37 -10.65
CA HIS A 48 -3.45 0.68 -11.93
C HIS A 48 -2.08 0.75 -12.60
N ALA A 49 -1.42 1.92 -12.54
CA ALA A 49 -0.10 2.04 -13.16
C ALA A 49 0.91 1.13 -12.51
N THR A 50 0.77 0.89 -11.20
CA THR A 50 1.65 -0.04 -10.50
C THR A 50 1.36 -1.48 -10.89
N VAL A 51 0.08 -1.86 -10.95
CA VAL A 51 -0.28 -3.19 -11.45
C VAL A 51 0.32 -3.41 -12.82
N LYS A 52 0.18 -2.42 -13.71
CA LYS A 52 0.67 -2.57 -15.06
C LYS A 52 2.19 -2.74 -15.08
N ARG A 53 2.89 -1.93 -14.30
CA ARG A 53 4.36 -1.98 -14.28
C ARG A 53 4.86 -3.35 -13.85
N PHE A 54 4.32 -3.87 -12.74
CA PHE A 54 4.76 -5.16 -12.21
C PHE A 54 4.30 -6.31 -13.11
N SER A 55 3.10 -6.20 -13.72
CA SER A 55 2.64 -7.23 -14.63
CA SER A 55 2.65 -7.24 -14.63
C SER A 55 3.54 -7.32 -15.86
N LEU A 56 3.89 -6.19 -16.44
CA LEU A 56 4.76 -6.19 -17.60
C LEU A 56 6.15 -6.69 -17.27
N ALA A 57 6.56 -6.59 -16.01
CA ALA A 57 7.87 -7.10 -15.60
C ALA A 57 7.85 -8.59 -15.30
N GLY A 58 6.71 -9.27 -15.42
CA GLY A 58 6.63 -10.69 -15.24
C GLY A 58 6.27 -11.15 -13.84
N TRP A 59 5.92 -10.21 -12.95
CA TRP A 59 5.57 -10.56 -11.58
C TRP A 59 4.16 -11.11 -11.49
N ARG A 60 3.94 -11.98 -10.50
CA ARG A 60 2.58 -12.27 -10.06
C ARG A 60 2.08 -11.12 -9.20
N VAL A 61 0.90 -10.58 -9.52
CA VAL A 61 0.37 -9.43 -8.80
C VAL A 61 -0.93 -9.86 -8.12
N ILE A 62 -0.92 -9.91 -6.79
CA ILE A 62 -2.11 -10.23 -6.00
C ILE A 62 -2.68 -8.91 -5.50
N THR A 63 -3.88 -8.56 -5.95
CA THR A 63 -4.50 -7.31 -5.53
C THR A 63 -5.56 -7.56 -4.46
N CYS A 64 -5.64 -6.64 -3.51
CA CYS A 64 -6.61 -6.68 -2.44
C CYS A 64 -7.66 -5.60 -2.68
N SER A 65 -8.94 -5.95 -2.53
CA SER A 65 -10.00 -5.02 -2.81
C SER A 65 -11.22 -5.44 -2.00
N ARG A 66 -12.11 -4.48 -1.72
CA ARG A 66 -13.36 -4.84 -1.06
C ARG A 66 -14.31 -5.57 -1.99
N GLN A 67 -14.08 -5.51 -3.29
CA GLN A 67 -15.03 -6.00 -4.28
C GLN A 67 -14.78 -7.47 -4.58
N ASP A 68 -15.83 -8.15 -5.02
CA ASP A 68 -15.67 -9.51 -5.51
C ASP A 68 -14.84 -9.48 -6.79
N PHE A 69 -14.09 -10.54 -7.03
CA PHE A 69 -13.42 -10.71 -8.30
C PHE A 69 -14.44 -10.65 -9.43
N SER A 70 -14.11 -9.91 -10.49
CA SER A 70 -14.98 -9.75 -11.65
C SER A 70 -14.18 -9.99 -12.92
N GLU A 71 -14.80 -10.65 -13.90
CA GLU A 71 -14.16 -10.87 -15.19
C GLU A 71 -14.11 -9.60 -16.04
N ASN A 72 -14.73 -8.51 -15.58
CA ASN A 72 -14.64 -7.22 -16.25
C ASN A 72 -13.51 -6.35 -15.68
N CYS A 73 -12.55 -6.97 -14.98
CA CYS A 73 -11.40 -6.28 -14.41
C CYS A 73 -10.39 -5.96 -15.51
N PRO A 74 -9.71 -4.80 -15.42
CA PRO A 74 -8.80 -4.41 -16.53
C PRO A 74 -7.71 -5.43 -16.82
N TRP A 75 -6.97 -5.86 -15.81
CA TRP A 75 -5.91 -6.82 -16.02
C TRP A 75 -6.47 -8.24 -16.17
N PRO A 76 -5.74 -9.12 -16.86
CA PRO A 76 -6.24 -10.46 -17.12
C PRO A 76 -6.02 -11.46 -15.99
N ALA A 77 -5.53 -11.02 -14.84
CA ALA A 77 -5.29 -11.95 -13.74
C ALA A 77 -6.57 -12.65 -13.33
N GLY A 78 -6.46 -13.96 -13.07
CA GLY A 78 -7.59 -14.75 -12.66
C GLY A 78 -7.91 -14.56 -11.18
N PRO A 79 -8.93 -15.29 -10.72
CA PRO A 79 -9.36 -15.15 -9.32
C PRO A 79 -8.28 -15.50 -8.31
N GLU A 80 -7.30 -16.34 -8.67
CA GLU A 80 -6.23 -16.69 -7.74
C GLU A 80 -5.34 -15.51 -7.40
N ASP A 81 -5.40 -14.43 -8.18
CA ASP A 81 -4.62 -13.23 -7.90
C ASP A 81 -5.45 -12.12 -7.27
N HIS A 82 -6.65 -12.41 -6.80
CA HIS A 82 -7.52 -11.40 -6.21
C HIS A 82 -7.89 -11.80 -4.80
N ILE A 83 -7.78 -10.85 -3.86
CA ILE A 83 -8.10 -11.04 -2.46
C ILE A 83 -9.20 -10.05 -2.09
N LYS A 84 -10.36 -10.57 -1.70
CA LYS A 84 -11.44 -9.72 -1.22
C LYS A 84 -11.24 -9.47 0.27
N VAL A 85 -11.01 -8.21 0.64
CA VAL A 85 -10.74 -7.89 2.03
C VAL A 85 -11.16 -6.45 2.28
N ASP A 86 -11.79 -6.24 3.43
CA ASP A 86 -12.10 -4.90 3.90
C ASP A 86 -11.02 -4.51 4.92
N LEU A 87 -10.14 -3.58 4.53
CA LEU A 87 -9.02 -3.20 5.37
C LEU A 87 -9.44 -2.39 6.59
N SER A 88 -10.71 -2.01 6.69
CA SER A 88 -11.18 -1.39 7.93
C SER A 88 -11.56 -2.42 8.97
N ASP A 89 -11.43 -3.72 8.67
CA ASP A 89 -11.93 -4.78 9.55
C ASP A 89 -10.77 -5.67 9.95
N PRO A 90 -10.29 -5.61 11.21
CA PRO A 90 -9.12 -6.44 11.58
C PRO A 90 -9.36 -7.94 11.46
N GLU A 91 -10.59 -8.41 11.66
CA GLU A 91 -10.87 -9.83 11.45
C GLU A 91 -10.71 -10.21 9.98
N ASP A 92 -11.23 -9.37 9.08
CA ASP A 92 -11.12 -9.66 7.65
C ASP A 92 -9.66 -9.61 7.21
N ILE A 93 -8.87 -8.72 7.79
CA ILE A 93 -7.45 -8.65 7.45
C ILE A 93 -6.75 -9.93 7.83
N GLY A 94 -7.05 -10.49 9.00
CA GLY A 94 -6.45 -11.75 9.38
C GLY A 94 -6.84 -12.88 8.44
N LYS A 95 -8.09 -12.87 7.99
CA LYS A 95 -8.55 -13.85 7.02
C LYS A 95 -7.84 -13.67 5.68
N ALA A 96 -7.63 -12.43 5.24
CA ALA A 96 -6.92 -12.17 3.99
C ALA A 96 -5.45 -12.60 4.09
N ILE A 97 -4.81 -12.32 5.22
CA ILE A 97 -3.41 -12.71 5.40
C ILE A 97 -3.27 -14.22 5.30
N ALA A 98 -4.17 -14.96 5.95
CA ALA A 98 -4.07 -16.41 5.92
C ALA A 98 -4.27 -16.94 4.50
N GLU A 99 -5.19 -16.32 3.76
CA GLU A 99 -5.41 -16.75 2.38
C GLU A 99 -4.20 -16.41 1.50
N ILE A 100 -3.60 -15.23 1.70
CA ILE A 100 -2.41 -14.88 0.93
C ILE A 100 -1.29 -15.88 1.20
N ARG A 101 -1.10 -16.24 2.47
CA ARG A 101 -0.04 -17.19 2.81
C ARG A 101 -0.28 -18.54 2.14
N ARG A 102 -1.54 -18.96 2.03
CA ARG A 102 -1.83 -20.21 1.33
C ARG A 102 -1.49 -20.10 -0.16
N ARG A 103 -1.81 -18.96 -0.77
CA ARG A 103 -1.56 -18.81 -2.20
C ARG A 103 -0.09 -18.61 -2.52
N LEU A 104 0.70 -18.16 -1.55
CA LEU A 104 2.14 -18.04 -1.74
C LEU A 104 2.88 -19.35 -1.60
N GLU A 105 2.24 -20.39 -1.07
CA GLU A 105 2.88 -21.70 -1.05
C GLU A 105 3.22 -22.18 -2.45
N ALA A 106 2.50 -21.71 -3.47
CA ALA A 106 2.79 -22.06 -4.87
C ALA A 106 4.10 -21.46 -5.38
N ASN A 107 4.87 -20.75 -4.55
CA ASN A 107 6.14 -20.18 -4.98
C ASN A 107 7.23 -20.35 -3.92
N GLY A 108 7.08 -21.33 -3.05
CA GLY A 108 8.00 -21.50 -1.94
C GLY A 108 7.79 -20.55 -0.79
N SER A 109 6.56 -20.04 -0.61
CA SER A 109 6.22 -19.15 0.50
C SER A 109 7.16 -17.95 0.57
N LYS A 110 7.33 -17.30 -0.58
CA LYS A 110 8.10 -16.07 -0.71
C LYS A 110 7.17 -14.95 -1.15
N LEU A 111 7.29 -13.78 -0.51
CA LEU A 111 6.61 -12.56 -0.93
C LEU A 111 7.68 -11.52 -1.20
N HIS A 112 7.88 -11.16 -2.47
CA HIS A 112 8.95 -10.24 -2.78
C HIS A 112 8.58 -8.78 -2.55
N ALA A 113 7.29 -8.46 -2.55
CA ALA A 113 6.91 -7.07 -2.34
C ALA A 113 5.52 -6.98 -1.75
N LEU A 114 5.37 -6.05 -0.82
CA LEU A 114 4.08 -5.61 -0.29
C LEU A 114 4.00 -4.11 -0.54
N VAL A 115 3.00 -3.67 -1.29
CA VAL A 115 2.82 -2.25 -1.56
C VAL A 115 1.50 -1.82 -0.95
N ASN A 116 1.56 -0.89 0.00
CA ASN A 116 0.38 -0.36 0.70
C ASN A 116 -0.01 0.95 0.05
N ASN A 117 -0.97 0.90 -0.88
CA ASN A 117 -1.48 2.10 -1.53
C ASN A 117 -2.94 2.40 -1.18
N ALA A 118 -3.63 1.53 -0.44
CA ALA A 118 -5.01 1.84 -0.08
C ALA A 118 -5.05 3.09 0.79
N GLY A 119 -6.04 3.95 0.54
CA GLY A 119 -6.16 5.12 1.39
C GLY A 119 -7.56 5.68 1.23
N ILE A 120 -8.14 6.19 2.31
CA ILE A 120 -9.47 6.78 2.26
C ILE A 120 -9.43 8.17 2.88
N SER A 121 -10.31 9.04 2.40
CA SER A 121 -10.50 10.38 2.97
C SER A 121 -11.98 10.72 2.89
N PRO A 122 -12.77 10.24 3.86
CA PRO A 122 -14.23 10.47 3.82
C PRO A 122 -14.57 11.95 3.85
N LYS A 123 -15.64 12.30 3.14
CA LYS A 123 -16.06 13.69 3.03
C LYS A 123 -17.24 13.98 3.96
N ALA A 124 -17.35 15.24 4.37
CA ALA A 124 -18.47 15.67 5.20
C ALA A 124 -19.72 15.82 4.34
N GLU A 125 -20.81 16.23 4.99
CA GLU A 125 -22.09 16.39 4.31
C GLU A 125 -21.93 17.31 3.10
N GLY A 126 -22.53 16.90 1.99
CA GLY A 126 -22.46 17.69 0.78
C GLY A 126 -21.15 17.63 0.06
N GLY A 127 -20.35 16.59 0.28
CA GLY A 127 -19.05 16.44 -0.36
C GLY A 127 -18.00 17.43 0.10
N ARG A 128 -18.12 17.97 1.30
CA ARG A 128 -17.14 18.94 1.78
C ARG A 128 -15.91 18.25 2.38
N ARG A 129 -14.79 18.96 2.32
CA ARG A 129 -13.61 18.55 3.06
C ARG A 129 -13.93 18.44 4.54
N MET A 130 -13.49 17.36 5.17
CA MET A 130 -13.79 17.13 6.58
C MET A 130 -12.58 17.54 7.41
N ASN A 131 -12.74 18.57 8.25
CA ASN A 131 -11.63 19.15 8.99
C ASN A 131 -11.56 18.60 10.42
N SER A 132 -10.65 19.15 11.22
CA SER A 132 -10.40 18.59 12.56
C SER A 132 -11.58 18.80 13.48
N ILE A 133 -12.37 19.84 13.23
CA ILE A 133 -13.50 20.16 14.09
C ILE A 133 -14.66 19.22 13.83
N GLU A 134 -14.85 18.82 12.58
CA GLU A 134 -16.04 18.11 12.17
C GLU A 134 -15.87 16.60 12.06
N THR A 135 -14.66 16.08 12.22
CA THR A 135 -14.43 14.65 11.99
C THR A 135 -14.93 13.86 13.19
N PRO A 136 -15.88 12.95 13.02
CA PRO A 136 -16.37 12.16 14.15
C PRO A 136 -15.42 11.01 14.46
N MET A 137 -15.57 10.47 15.68
CA MET A 137 -14.73 9.37 16.13
C MET A 137 -14.67 8.23 15.12
N ALA A 138 -15.82 7.89 14.53
CA ALA A 138 -15.85 6.72 13.65
C ALA A 138 -14.99 6.92 12.41
N VAL A 139 -14.91 8.15 11.92
CA VAL A 139 -14.05 8.45 10.76
C VAL A 139 -12.58 8.41 11.16
N TRP A 140 -12.23 9.05 12.29
CA TRP A 140 -10.83 8.92 12.75
C TRP A 140 -10.44 7.46 12.81
N ARG A 141 -11.31 6.63 13.36
CA ARG A 141 -11.02 5.22 13.56
C ARG A 141 -10.82 4.51 12.23
N ASP A 142 -11.77 4.65 11.30
CA ASP A 142 -11.71 3.89 10.05
C ASP A 142 -10.57 4.39 9.16
N VAL A 143 -10.32 5.69 9.15
CA VAL A 143 -9.25 6.22 8.31
C VAL A 143 -7.89 5.75 8.83
N PHE A 144 -7.67 5.80 10.14
CA PHE A 144 -6.39 5.30 10.64
C PHE A 144 -6.29 3.78 10.50
N GLN A 145 -7.41 3.06 10.60
CA GLN A 145 -7.33 1.62 10.40
C GLN A 145 -6.93 1.27 8.97
N VAL A 146 -7.55 1.90 7.97
CA VAL A 146 -7.22 1.58 6.58
C VAL A 146 -5.84 2.13 6.20
N ASN A 147 -5.58 3.39 6.55
CA ASN A 147 -4.41 4.10 6.01
C ASN A 147 -3.13 3.79 6.77
N PHE A 148 -3.24 3.41 8.03
CA PHE A 148 -2.09 3.31 8.93
C PHE A 148 -1.94 1.93 9.53
N MET A 149 -3.01 1.39 10.11
CA MET A 149 -2.91 0.09 10.78
C MET A 149 -2.77 -1.05 9.77
N ALA A 150 -3.52 -1.00 8.66
CA ALA A 150 -3.46 -2.10 7.71
C ALA A 150 -2.05 -2.29 7.16
N PRO A 151 -1.29 -1.25 6.83
CA PRO A 151 0.09 -1.48 6.36
C PRO A 151 0.95 -2.27 7.33
N ILE A 152 0.92 -1.97 8.64
CA ILE A 152 1.75 -2.73 9.56
C ILE A 152 1.13 -4.09 9.85
N MET A 153 -0.21 -4.18 9.93
CA MET A 153 -0.83 -5.48 10.13
C MET A 153 -0.47 -6.44 8.99
N LEU A 154 -0.49 -5.94 7.75
CA LEU A 154 -0.16 -6.81 6.62
C LEU A 154 1.32 -7.17 6.62
N ALA A 155 2.19 -6.20 6.90
CA ALA A 155 3.62 -6.49 6.90
C ALA A 155 3.98 -7.49 7.98
N ARG A 156 3.45 -7.32 9.19
CA ARG A 156 3.86 -8.31 10.19
C ARG A 156 3.09 -9.62 10.00
N GLY A 157 1.89 -9.56 9.43
CA GLY A 157 1.19 -10.80 9.12
C GLY A 157 1.86 -11.62 8.03
N LEU A 158 2.49 -10.95 7.06
CA LEU A 158 3.19 -11.61 5.97
C LEU A 158 4.71 -11.67 6.21
N PHE A 159 5.14 -11.52 7.46
CA PHE A 159 6.55 -11.40 7.79
C PHE A 159 7.35 -12.61 7.30
N LYS A 160 6.84 -13.82 7.57
CA LYS A 160 7.60 -15.01 7.23
C LYS A 160 7.90 -15.05 5.73
N GLU A 161 6.92 -14.70 4.90
CA GLU A 161 7.12 -14.77 3.46
C GLU A 161 7.98 -13.62 2.95
N LEU A 162 7.84 -12.43 3.54
CA LEU A 162 8.74 -11.32 3.23
C LEU A 162 10.17 -11.66 3.61
N GLU A 163 10.36 -12.23 4.80
CA GLU A 163 11.70 -12.62 5.24
C GLU A 163 12.28 -13.67 4.31
N ALA A 164 11.47 -14.68 3.95
CA ALA A 164 11.96 -15.77 3.11
C ALA A 164 12.45 -15.25 1.76
N ALA A 165 11.85 -14.18 1.26
CA ALA A 165 12.22 -13.60 -0.01
C ALA A 165 13.20 -12.44 0.13
N GLN A 166 13.52 -12.03 1.36
CA GLN A 166 14.26 -10.78 1.58
C GLN A 166 13.58 -9.66 0.81
N GLY A 167 12.26 -9.58 0.98
CA GLY A 167 11.40 -8.72 0.20
C GLY A 167 11.43 -7.26 0.63
N SER A 168 10.48 -6.51 0.08
CA SER A 168 10.45 -5.06 0.17
C SER A 168 9.02 -4.62 0.52
N VAL A 169 8.91 -3.68 1.46
CA VAL A 169 7.61 -3.07 1.80
C VAL A 169 7.65 -1.61 1.37
N VAL A 170 6.65 -1.18 0.60
CA VAL A 170 6.54 0.22 0.19
C VAL A 170 5.24 0.76 0.74
N ASN A 171 5.32 1.87 1.47
CA ASN A 171 4.15 2.57 1.95
C ASN A 171 4.01 3.86 1.17
N VAL A 172 2.85 4.08 0.57
CA VAL A 172 2.66 5.28 -0.25
C VAL A 172 2.15 6.39 0.68
N THR A 173 2.95 7.43 0.84
CA THR A 173 2.58 8.53 1.71
C THR A 173 1.95 9.65 0.86
N SER A 174 1.89 10.88 1.38
CA SER A 174 1.15 11.92 0.68
C SER A 174 1.72 13.29 1.00
N ILE A 175 1.59 14.22 0.05
CA ILE A 175 1.94 15.60 0.35
C ILE A 175 1.06 16.15 1.46
N ALA A 176 -0.16 15.60 1.61
CA ALA A 176 -1.05 16.01 2.69
C ALA A 176 -0.49 15.67 4.06
N GLY A 177 0.43 14.71 4.14
CA GLY A 177 1.08 14.44 5.41
C GLY A 177 1.98 15.55 5.88
N SER A 178 2.38 16.47 4.99
CA SER A 178 3.28 17.53 5.38
CA SER A 178 3.32 17.54 5.29
C SER A 178 2.73 18.94 5.19
N ARG A 179 1.63 19.12 4.46
CA ARG A 179 1.06 20.45 4.34
C ARG A 179 -0.44 20.32 4.17
N VAL A 180 -1.17 21.32 4.66
CA VAL A 180 -2.63 21.27 4.59
C VAL A 180 -3.03 21.35 3.13
N HIS A 181 -3.90 20.45 2.69
CA HIS A 181 -4.29 20.36 1.29
C HIS A 181 -5.79 20.58 1.15
N PRO A 182 -6.22 21.32 0.13
CA PRO A 182 -7.67 21.58 -0.03
C PRO A 182 -8.48 20.33 -0.33
N PHE A 183 -7.89 19.30 -0.92
CA PHE A 183 -8.60 18.13 -1.40
C PHE A 183 -8.47 16.92 -0.49
N ALA A 184 -7.78 17.05 0.63
CA ALA A 184 -7.59 15.95 1.56
C ALA A 184 -8.00 16.41 2.95
N GLY A 185 -8.88 15.65 3.60
CA GLY A 185 -9.33 16.00 4.93
C GLY A 185 -8.29 15.72 6.00
N THR A 186 -8.61 16.16 7.22
CA THR A 186 -7.65 16.09 8.31
C THR A 186 -7.32 14.66 8.71
N ALA A 187 -8.32 13.76 8.72
CA ALA A 187 -8.01 12.39 9.09
C ALA A 187 -7.03 11.75 8.11
N TYR A 188 -7.22 12.01 6.81
CA TYR A 188 -6.29 11.51 5.81
C TYR A 188 -4.89 12.10 6.01
N ALA A 189 -4.82 13.42 6.18
CA ALA A 189 -3.53 14.09 6.36
C ALA A 189 -2.78 13.53 7.57
N THR A 190 -3.47 13.39 8.71
CA THR A 190 -2.77 12.96 9.91
C THR A 190 -2.40 11.49 9.85
N SER A 191 -3.24 10.65 9.23
CA SER A 191 -2.91 9.23 9.11
C SER A 191 -1.75 9.02 8.16
N LYS A 192 -1.66 9.83 7.10
CA LYS A 192 -0.52 9.74 6.19
C LYS A 192 0.75 10.27 6.84
N ALA A 193 0.66 11.31 7.67
CA ALA A 193 1.83 11.72 8.42
C ALA A 193 2.24 10.63 9.40
N ALA A 194 1.28 9.96 10.03
CA ALA A 194 1.61 8.85 10.91
C ALA A 194 2.26 7.71 10.13
N LEU A 195 1.78 7.47 8.92
CA LEU A 195 2.33 6.41 8.06
C LEU A 195 3.76 6.71 7.67
N ALA A 196 4.09 7.98 7.44
CA ALA A 196 5.49 8.32 7.15
C ALA A 196 6.40 7.97 8.33
N ALA A 197 5.96 8.31 9.54
CA ALA A 197 6.75 7.95 10.73
C ALA A 197 6.82 6.44 10.92
N LEU A 198 5.69 5.74 10.69
CA LEU A 198 5.67 4.28 10.81
C LEU A 198 6.65 3.63 9.85
N THR A 199 6.76 4.17 8.63
CA THR A 199 7.73 3.66 7.66
C THR A 199 9.15 3.70 8.20
N ARG A 200 9.53 4.85 8.79
CA ARG A 200 10.85 4.98 9.40
CA ARG A 200 10.85 4.96 9.38
C ARG A 200 11.06 3.95 10.50
N GLU A 201 10.05 3.76 11.36
CA GLU A 201 10.15 2.79 12.45
C GLU A 201 10.23 1.36 11.92
N MET A 202 9.35 1.02 10.96
CA MET A 202 9.39 -0.32 10.36
C MET A 202 10.75 -0.62 9.74
N ALA A 203 11.34 0.35 9.04
CA ALA A 203 12.65 0.09 8.43
C ALA A 203 13.67 -0.30 9.49
N SER A 204 13.65 0.39 10.63
CA SER A 204 14.57 0.05 11.72
CA SER A 204 14.57 0.05 11.72
C SER A 204 14.26 -1.34 12.27
N ASP A 205 12.98 -1.70 12.37
CA ASP A 205 12.57 -2.95 12.98
C ASP A 205 12.77 -4.15 12.05
N PHE A 206 12.46 -3.97 10.77
CA PHE A 206 12.50 -5.05 9.78
C PHE A 206 13.89 -5.24 9.21
N GLY A 207 14.74 -4.21 9.27
CA GLY A 207 16.09 -4.24 8.75
C GLY A 207 16.93 -5.45 9.13
N PRO A 208 17.02 -5.75 10.44
CA PRO A 208 17.82 -6.92 10.86
C PRO A 208 17.31 -8.25 10.35
N TYR A 209 16.09 -8.30 9.82
CA TYR A 209 15.57 -9.51 9.20
C TYR A 209 15.74 -9.50 7.70
N GLY A 210 16.33 -8.45 7.13
CA GLY A 210 16.63 -8.40 5.72
C GLY A 210 15.53 -7.85 4.85
N ILE A 211 14.49 -7.27 5.46
CA ILE A 211 13.35 -6.72 4.73
C ILE A 211 13.49 -5.21 4.72
N ARG A 212 13.50 -4.62 3.53
CA ARG A 212 13.61 -3.17 3.44
C ARG A 212 12.22 -2.56 3.40
N VAL A 213 12.11 -1.35 3.93
CA VAL A 213 10.84 -0.64 4.08
C VAL A 213 11.10 0.81 3.70
N ASN A 214 10.31 1.33 2.75
CA ASN A 214 10.49 2.68 2.26
C ASN A 214 9.13 3.28 1.96
N ALA A 215 9.10 4.61 1.85
CA ALA A 215 7.90 5.37 1.51
C ALA A 215 8.14 6.20 0.26
N ILE A 216 7.05 6.49 -0.44
CA ILE A 216 7.06 7.40 -1.57
CA ILE A 216 7.05 7.39 -1.59
C ILE A 216 5.89 8.35 -1.42
N ALA A 217 6.16 9.64 -1.53
CA ALA A 217 5.11 10.66 -1.48
C ALA A 217 4.95 11.22 -2.87
N PRO A 218 3.85 10.93 -3.57
CA PRO A 218 3.64 11.52 -4.89
C PRO A 218 3.60 13.04 -4.79
N GLY A 219 3.91 13.69 -5.92
CA GLY A 219 3.92 15.14 -5.95
C GLY A 219 2.54 15.78 -5.87
N GLU A 220 1.49 15.01 -6.14
CA GLU A 220 0.12 15.50 -6.08
C GLU A 220 -0.70 14.53 -5.25
N ILE A 221 -1.85 15.00 -4.77
CA ILE A 221 -2.75 14.09 -4.06
C ILE A 221 -3.20 12.99 -5.00
N ASP A 222 -3.28 11.77 -4.49
CA ASP A 222 -3.83 10.64 -5.22
C ASP A 222 -5.29 10.92 -5.55
N THR A 223 -5.61 11.08 -6.85
CA THR A 223 -6.99 11.36 -7.25
C THR A 223 -7.95 10.26 -6.83
N ALA A 224 -7.44 9.10 -6.43
CA ALA A 224 -8.31 8.07 -5.91
C ALA A 224 -9.12 8.54 -4.71
N ILE A 225 -8.66 9.51 -3.93
CA ILE A 225 -9.44 9.93 -2.76
C ILE A 225 -10.48 10.99 -3.08
N LEU A 226 -10.56 11.43 -4.33
CA LEU A 226 -11.52 12.47 -4.70
C LEU A 226 -12.95 11.92 -4.68
N GLY A 243 0.69 10.64 -16.67
CA GLY A 243 2.14 10.78 -16.71
C GLY A 243 2.77 10.88 -15.34
N LYS A 244 2.21 11.75 -14.50
CA LYS A 244 2.74 11.91 -13.14
C LYS A 244 2.57 10.63 -12.34
N THR A 245 1.48 9.89 -12.57
CA THR A 245 1.27 8.64 -11.85
C THR A 245 2.19 7.54 -12.36
N SER A 246 2.53 7.54 -13.65
CA SER A 246 3.49 6.55 -14.14
C SER A 246 4.82 6.68 -13.42
N GLU A 247 5.23 7.90 -13.07
CA GLU A 247 6.49 8.10 -12.35
C GLU A 247 6.41 7.50 -10.95
N VAL A 248 5.27 7.65 -10.26
CA VAL A 248 5.10 7.01 -8.96
C VAL A 248 5.19 5.49 -9.11
N ALA A 249 4.49 4.93 -10.10
CA ALA A 249 4.53 3.49 -10.28
C ALA A 249 5.95 3.02 -10.59
N GLU A 250 6.67 3.76 -11.43
CA GLU A 250 8.06 3.40 -11.74
C GLU A 250 8.91 3.39 -10.47
N THR A 251 8.69 4.34 -9.57
CA THR A 251 9.51 4.41 -8.36
C THR A 251 9.16 3.30 -7.38
N ILE A 252 7.87 2.97 -7.25
CA ILE A 252 7.49 1.81 -6.44
C ILE A 252 8.18 0.57 -6.97
N TYR A 253 8.14 0.38 -8.28
CA TYR A 253 8.79 -0.76 -8.91
C TYR A 253 10.29 -0.79 -8.61
N PHE A 254 10.95 0.37 -8.73
CA PHE A 254 12.37 0.46 -8.40
C PHE A 254 12.63 -0.03 -6.97
N LEU A 255 11.79 0.41 -6.03
CA LEU A 255 11.97 0.06 -4.63
C LEU A 255 11.74 -1.41 -4.34
N CYS A 256 11.28 -2.18 -5.32
CA CYS A 256 11.00 -3.59 -5.13
C CYS A 256 11.90 -4.50 -5.94
N THR A 257 12.88 -3.94 -6.64
CA THR A 257 13.78 -4.71 -7.50
C THR A 257 15.23 -4.55 -7.02
N GLU A 258 16.13 -5.27 -7.70
CA GLU A 258 17.50 -5.46 -7.20
C GLU A 258 18.22 -4.14 -6.98
N THR A 259 17.95 -3.13 -7.82
CA THR A 259 18.70 -1.88 -7.76
C THR A 259 18.49 -1.13 -6.43
N SER A 260 17.41 -1.43 -5.70
CA SER A 260 17.16 -0.78 -4.43
C SER A 260 17.46 -1.70 -3.25
N SER A 261 18.24 -2.76 -3.48
CA SER A 261 18.46 -3.80 -2.47
C SER A 261 18.99 -3.24 -1.16
N TYR A 262 19.70 -2.11 -1.21
CA TYR A 262 20.39 -1.57 -0.06
C TYR A 262 19.73 -0.33 0.51
N VAL A 263 18.58 0.07 -0.03
CA VAL A 263 17.88 1.28 0.38
C VAL A 263 16.81 0.89 1.39
N THR A 264 16.86 1.47 2.59
CA THR A 264 15.76 1.28 3.51
C THR A 264 15.60 2.53 4.37
N GLY A 265 14.38 2.73 4.88
CA GLY A 265 14.12 3.87 5.72
C GLY A 265 14.07 5.20 5.01
N SER A 266 13.94 5.19 3.69
CA SER A 266 13.91 6.44 2.95
C SER A 266 12.46 6.80 2.63
N GLU A 267 12.24 8.08 2.34
CA GLU A 267 10.96 8.53 1.80
C GLU A 267 11.26 9.37 0.57
N ILE A 268 10.78 8.92 -0.58
CA ILE A 268 11.06 9.59 -1.84
C ILE A 268 9.92 10.57 -2.11
N HIS A 269 10.26 11.84 -2.24
CA HIS A 269 9.27 12.89 -2.50
C HIS A 269 9.33 13.25 -3.98
N ILE A 270 8.39 12.71 -4.77
CA ILE A 270 8.34 13.03 -6.18
C ILE A 270 8.06 14.52 -6.35
N ASN A 271 8.87 15.17 -7.18
CA ASN A 271 8.73 16.61 -7.40
C ASN A 271 8.07 16.90 -8.74
PA NAP B . -11.88 4.35 -3.10
O1A NAP B . -12.12 3.37 -4.19
O2A NAP B . -13.01 4.25 -2.09
O5B NAP B . -10.50 3.88 -2.28
C5B NAP B . -9.20 4.13 -2.83
C4B NAP B . -8.44 2.83 -2.98
O4B NAP B . -8.22 2.24 -1.68
C3B NAP B . -9.14 1.77 -3.83
O3B NAP B . -8.21 1.00 -4.59
C2B NAP B . -9.80 0.89 -2.78
O2B NAP B . -10.02 -0.48 -3.19
C1B NAP B . -8.81 0.96 -1.62
N9A NAP B . -9.47 0.82 -0.34
C8A NAP B . -10.08 1.82 0.37
N7A NAP B . -10.70 1.41 1.45
C5A NAP B . -10.47 0.04 1.46
C6A NAP B . -10.87 -0.97 2.35
N6A NAP B . -11.62 -0.74 3.43
N1A NAP B . -10.49 -2.24 2.06
C2A NAP B . -9.76 -2.46 0.97
N3A NAP B . -9.31 -1.57 0.06
C4A NAP B . -9.70 -0.34 0.37
O3 NAP B . -11.88 5.82 -3.73
PN NAP B . -12.46 6.40 -5.11
O1N NAP B . -11.37 6.41 -6.11
O2N NAP B . -13.72 5.70 -5.45
O5D NAP B . -12.78 7.91 -4.73
C5D NAP B . -13.35 8.22 -3.45
C4D NAP B . -14.84 8.44 -3.59
O4D NAP B . -15.47 7.25 -4.11
C3D NAP B . -15.57 8.77 -2.29
O3D NAP B . -16.68 9.62 -2.51
C2D NAP B . -16.00 7.38 -1.81
O2D NAP B . -17.17 7.45 -1.01
C1D NAP B . -16.28 6.66 -3.12
P2B NAP B . -11.50 -1.11 -3.50
O1X NAP B . -11.40 -2.00 -4.71
O2X NAP B . -11.89 -1.87 -2.24
O3X NAP B . -12.45 0.08 -3.67
CA CA C . 15.48 -16.68 6.59
#